data_1V41
#
_entry.id   1V41
#
_cell.length_a   139.280
_cell.length_b   139.280
_cell.length_c   161.420
_cell.angle_alpha   90.00
_cell.angle_beta   90.00
_cell.angle_gamma   120.00
#
_symmetry.space_group_name_H-M   'H 3 2'
#
loop_
_entity.id
_entity.type
_entity.pdbx_description
1 polymer 'Purine nucleoside phosphorylase'
2 non-polymer 'SULFATE ION'
3 non-polymer 5-AMINO-1H-[1,2,3]TRIAZOLO[4,5-D]PYRIMIDIN-7-OL
4 water water
#
_entity_poly.entity_id   1
_entity_poly.type   'polypeptide(L)'
_entity_poly.pdbx_seq_one_letter_code
;ENGYTYEDYKNTAEWLLSHTKHRPQVAIICGSGLGGLTDKLTQAQIFDYSEIPNFPRSTVPGHAGRLVFGFLNGRACVMM
QGRFHMYEGYPLWKVTFPVRVFHLLGVDTLVVTNAAGGLNPKFEVGDIMLIRDHINLPGFSGQNPLRGPNDERFGDRFPA
MSDAYDRTMRQRALSTWKQMGEQRELQEGTYVMVAGPSFETVAECRVLQKLGADAVGMSTVPEVIVARHCGLRVFGFSLI
TNKVIMDYESLEKANHEEVLAAGKQAAQKLEQFVSILMASIPLPDKAS
;
_entity_poly.pdbx_strand_id   E
#
# COMPACT_ATOMS: atom_id res chain seq x y z
N GLU A 1 -7.42 -2.44 -16.12
CA GLU A 1 -8.74 -3.01 -16.52
C GLU A 1 -8.59 -4.43 -17.10
N ASN A 2 -8.22 -4.48 -18.38
CA ASN A 2 -8.01 -5.69 -19.21
C ASN A 2 -7.80 -7.03 -18.50
N GLY A 3 -7.86 -8.10 -19.29
CA GLY A 3 -7.62 -9.44 -18.76
C GLY A 3 -8.68 -10.00 -17.84
N TYR A 4 -9.12 -9.22 -16.87
CA TYR A 4 -10.14 -9.70 -15.97
C TYR A 4 -11.43 -9.08 -16.39
N THR A 5 -12.50 -9.65 -15.89
CA THR A 5 -13.83 -9.17 -16.18
C THR A 5 -14.54 -9.20 -14.84
N TYR A 6 -15.75 -8.65 -14.80
CA TYR A 6 -16.49 -8.61 -13.55
C TYR A 6 -16.75 -9.97 -12.93
N GLU A 7 -17.21 -10.96 -13.69
CA GLU A 7 -17.41 -12.26 -13.07
C GLU A 7 -16.08 -12.75 -12.53
N ASP A 8 -14.97 -12.30 -13.11
CA ASP A 8 -13.64 -12.70 -12.63
C ASP A 8 -13.43 -12.21 -11.23
N TYR A 9 -13.78 -10.95 -10.98
CA TYR A 9 -13.64 -10.41 -9.64
C TYR A 9 -14.79 -10.97 -8.77
N LYS A 10 -15.91 -11.32 -9.43
CA LYS A 10 -17.08 -11.84 -8.76
C LYS A 10 -16.95 -13.30 -8.36
N ASN A 11 -16.20 -14.09 -9.13
CA ASN A 11 -16.01 -15.50 -8.83
C ASN A 11 -15.00 -15.64 -7.74
N THR A 12 -13.99 -14.77 -7.78
CA THR A 12 -12.92 -14.76 -6.79
C THR A 12 -13.45 -14.27 -5.43
N ALA A 13 -14.22 -13.17 -5.44
CA ALA A 13 -14.80 -12.61 -4.23
C ALA A 13 -15.62 -13.72 -3.59
N GLU A 14 -16.52 -14.30 -4.36
CA GLU A 14 -17.35 -15.41 -3.88
C GLU A 14 -16.51 -16.60 -3.41
N TRP A 15 -15.50 -16.99 -4.18
CA TRP A 15 -14.69 -18.15 -3.78
C TRP A 15 -14.11 -17.92 -2.43
N LEU A 16 -13.63 -16.72 -2.18
CA LEU A 16 -13.04 -16.38 -0.91
C LEU A 16 -14.10 -16.39 0.18
N LEU A 17 -15.18 -15.65 -0.06
CA LEU A 17 -16.30 -15.54 0.88
C LEU A 17 -16.81 -16.93 1.24
N SER A 18 -16.95 -17.79 0.25
CA SER A 18 -17.43 -19.13 0.49
C SER A 18 -16.30 -20.06 0.93
N HIS A 19 -15.17 -19.47 1.32
CA HIS A 19 -14.03 -20.28 1.77
C HIS A 19 -13.46 -19.72 3.05
N THR A 20 -14.09 -18.69 3.55
CA THR A 20 -13.63 -18.07 4.76
C THR A 20 -14.89 -17.66 5.51
N LYS A 21 -14.84 -17.77 6.83
CA LYS A 21 -15.95 -17.38 7.70
C LYS A 21 -15.89 -15.87 7.80
N HIS A 22 -14.69 -15.35 7.56
CA HIS A 22 -14.41 -13.93 7.65
C HIS A 22 -15.03 -13.13 6.51
N ARG A 23 -15.36 -11.88 6.81
CA ARG A 23 -15.90 -10.93 5.82
C ARG A 23 -15.10 -9.68 6.21
N PRO A 24 -14.00 -9.44 5.51
CA PRO A 24 -13.13 -8.31 5.80
C PRO A 24 -13.76 -6.96 5.60
N GLN A 25 -13.38 -6.03 6.47
CA GLN A 25 -13.86 -4.65 6.35
C GLN A 25 -12.68 -3.84 5.87
N VAL A 26 -11.53 -4.11 6.48
CA VAL A 26 -10.31 -3.41 6.13
C VAL A 26 -9.33 -4.35 5.42
N ALA A 27 -8.75 -3.86 4.34
CA ALA A 27 -7.78 -4.63 3.57
C ALA A 27 -6.47 -3.91 3.80
N ILE A 28 -5.43 -4.65 4.15
CA ILE A 28 -4.11 -4.06 4.44
C ILE A 28 -2.99 -4.66 3.57
N ILE A 29 -2.44 -3.84 2.69
CA ILE A 29 -1.38 -4.30 1.83
C ILE A 29 -0.09 -3.95 2.53
N CYS A 30 0.68 -4.97 2.91
CA CYS A 30 1.91 -4.73 3.63
C CYS A 30 3.07 -4.54 2.66
N GLY A 31 3.94 -3.57 2.94
CA GLY A 31 5.08 -3.32 2.07
C GLY A 31 6.22 -4.27 2.39
N SER A 32 7.35 -4.13 1.69
CA SER A 32 8.50 -5.00 1.93
C SER A 32 9.00 -4.81 3.34
N GLY A 33 9.05 -5.90 4.09
CA GLY A 33 9.52 -5.83 5.46
C GLY A 33 8.42 -5.62 6.46
N LEU A 34 7.25 -5.24 5.99
CA LEU A 34 6.11 -4.96 6.87
C LEU A 34 5.12 -6.14 6.88
N GLY A 35 5.53 -7.25 6.29
CA GLY A 35 4.68 -8.42 6.26
C GLY A 35 4.41 -8.95 7.64
N GLY A 36 5.23 -8.54 8.60
CA GLY A 36 5.08 -8.98 9.97
C GLY A 36 3.72 -8.70 10.55
N LEU A 37 3.09 -7.62 10.13
CA LEU A 37 1.77 -7.26 10.63
C LEU A 37 0.83 -8.44 10.63
N THR A 38 1.04 -9.39 9.73
CA THR A 38 0.18 -10.58 9.67
C THR A 38 0.15 -11.32 11.03
N ASP A 39 1.28 -11.31 11.73
CA ASP A 39 1.38 -11.96 13.02
C ASP A 39 0.37 -11.38 14.00
N LYS A 40 0.10 -10.09 13.90
CA LYS A 40 -0.82 -9.43 14.82
C LYS A 40 -2.29 -9.87 14.62
N LEU A 41 -2.56 -10.62 13.57
CA LEU A 41 -3.91 -11.06 13.30
C LEU A 41 -4.38 -12.19 14.23
N THR A 42 -5.68 -12.26 14.48
CA THR A 42 -6.22 -13.35 15.29
C THR A 42 -7.37 -13.99 14.55
N GLN A 43 -7.52 -15.30 14.71
CA GLN A 43 -8.55 -16.07 14.03
C GLN A 43 -8.18 -16.07 12.54
N ALA A 44 -6.93 -15.75 12.28
CA ALA A 44 -6.37 -15.66 10.93
C ALA A 44 -6.59 -16.87 10.05
N GLN A 45 -6.74 -16.61 8.75
CA GLN A 45 -6.94 -17.65 7.76
C GLN A 45 -6.07 -17.26 6.57
N ILE A 46 -5.02 -18.05 6.36
CA ILE A 46 -4.01 -17.83 5.32
C ILE A 46 -4.30 -18.55 4.02
N PHE A 47 -4.63 -17.81 2.96
CA PHE A 47 -4.85 -18.41 1.64
C PHE A 47 -3.62 -18.08 0.84
N ASP A 48 -3.25 -18.98 -0.06
CA ASP A 48 -2.09 -18.75 -0.93
C ASP A 48 -2.65 -18.09 -2.20
N TYR A 49 -2.00 -17.02 -2.68
CA TYR A 49 -2.45 -16.31 -3.89
C TYR A 49 -2.68 -17.39 -4.89
N SER A 50 -1.75 -18.31 -4.91
CA SER A 50 -1.78 -19.45 -5.77
C SER A 50 -3.15 -20.12 -5.73
N GLU A 51 -3.66 -20.37 -4.52
CA GLU A 51 -4.93 -21.04 -4.26
C GLU A 51 -6.20 -20.39 -4.81
N ILE A 52 -6.26 -19.07 -4.68
CA ILE A 52 -7.40 -18.25 -5.10
C ILE A 52 -7.59 -18.13 -6.62
N PRO A 53 -8.74 -18.56 -7.13
CA PRO A 53 -9.11 -18.54 -8.53
C PRO A 53 -8.42 -17.69 -9.60
N ASN A 54 -8.54 -16.38 -9.56
CA ASN A 54 -7.91 -15.61 -10.63
C ASN A 54 -6.82 -14.73 -10.10
N PHE A 55 -6.45 -14.98 -8.85
CA PHE A 55 -5.44 -14.16 -8.17
C PHE A 55 -4.04 -14.32 -8.78
N PRO A 56 -3.42 -13.20 -9.15
CA PRO A 56 -2.09 -13.34 -9.72
C PRO A 56 -1.24 -14.03 -8.67
N ARG A 57 -0.44 -15.00 -9.08
CA ARG A 57 0.48 -15.72 -8.20
C ARG A 57 1.82 -14.97 -8.25
N SER A 58 2.67 -15.12 -7.23
CA SER A 58 3.96 -14.43 -7.19
C SER A 58 4.99 -14.88 -8.21
N THR A 59 5.84 -13.97 -8.66
CA THR A 59 6.86 -14.31 -9.66
C THR A 59 8.00 -15.08 -9.07
N VAL A 60 8.39 -14.71 -7.86
CA VAL A 60 9.49 -15.39 -7.17
C VAL A 60 9.14 -15.78 -5.75
N PRO A 61 8.77 -14.78 -4.90
CA PRO A 61 8.41 -14.95 -3.48
C PRO A 61 7.48 -16.10 -3.13
N GLY A 62 6.18 -15.91 -3.43
CA GLY A 62 5.17 -16.91 -3.16
C GLY A 62 5.07 -16.92 -1.66
N HIS A 63 6.04 -17.59 -1.05
CA HIS A 63 6.18 -17.68 0.40
C HIS A 63 6.74 -16.29 0.69
N ALA A 64 5.82 -15.45 1.18
CA ALA A 64 5.96 -14.02 1.49
C ALA A 64 5.17 -13.53 0.28
N GLY A 65 4.01 -14.17 0.11
CA GLY A 65 3.07 -13.90 -0.95
C GLY A 65 1.85 -14.72 -0.57
N ARG A 66 1.19 -14.32 0.51
CA ARG A 66 0.01 -15.01 0.98
C ARG A 66 -1.01 -13.98 1.41
N LEU A 67 -2.27 -14.38 1.39
CA LEU A 67 -3.39 -13.55 1.76
C LEU A 67 -3.97 -14.04 3.09
N VAL A 68 -3.70 -13.31 4.19
CA VAL A 68 -4.23 -13.72 5.49
C VAL A 68 -5.33 -12.84 6.07
N PHE A 69 -6.39 -13.49 6.52
CA PHE A 69 -7.54 -12.83 7.12
C PHE A 69 -7.37 -12.89 8.65
N GLY A 70 -8.43 -12.57 9.38
CA GLY A 70 -8.37 -12.62 10.82
C GLY A 70 -8.84 -11.29 11.37
N PHE A 71 -8.26 -10.85 12.46
CA PHE A 71 -8.64 -9.57 13.05
C PHE A 71 -7.48 -8.77 13.59
N LEU A 72 -7.59 -7.46 13.47
CA LEU A 72 -6.59 -6.55 13.97
C LEU A 72 -7.35 -5.44 14.69
N ASN A 73 -6.96 -5.26 15.94
CA ASN A 73 -7.49 -4.26 16.81
C ASN A 73 -8.94 -3.98 16.64
N GLY A 74 -9.76 -5.01 16.59
CA GLY A 74 -11.18 -4.81 16.47
C GLY A 74 -11.67 -4.46 15.09
N ARG A 75 -10.95 -4.89 14.08
CA ARG A 75 -11.37 -4.63 12.72
C ARG A 75 -11.16 -5.92 11.99
N ALA A 76 -12.17 -6.33 11.22
CA ALA A 76 -12.06 -7.55 10.44
C ALA A 76 -11.15 -7.16 9.27
N CYS A 77 -9.95 -7.71 9.26
CA CYS A 77 -8.96 -7.41 8.23
C CYS A 77 -8.81 -8.50 7.16
N VAL A 78 -7.86 -8.25 6.27
CA VAL A 78 -7.41 -9.14 5.20
C VAL A 78 -6.16 -8.44 4.71
N MET A 79 -5.03 -9.03 5.09
CA MET A 79 -3.73 -8.48 4.76
C MET A 79 -3.08 -9.24 3.66
N MET A 80 -2.70 -8.52 2.62
CA MET A 80 -2.06 -9.16 1.50
C MET A 80 -0.60 -9.13 1.89
N GLN A 81 -0.01 -10.29 2.13
CA GLN A 81 1.41 -10.32 2.47
C GLN A 81 2.24 -10.58 1.23
N GLY A 82 2.94 -9.55 0.78
CA GLY A 82 3.74 -9.66 -0.42
C GLY A 82 2.99 -9.06 -1.58
N ARG A 83 3.03 -7.74 -1.69
CA ARG A 83 2.30 -7.10 -2.77
C ARG A 83 2.98 -7.28 -4.12
N PHE A 84 2.20 -7.15 -5.20
CA PHE A 84 2.69 -7.29 -6.57
C PHE A 84 3.19 -5.94 -7.02
N HIS A 85 4.16 -5.93 -7.94
CA HIS A 85 4.75 -4.70 -8.44
C HIS A 85 4.75 -4.77 -9.95
N MET A 86 4.71 -3.61 -10.60
CA MET A 86 4.74 -3.55 -12.04
C MET A 86 6.08 -4.15 -12.53
N TYR A 87 7.18 -3.84 -11.84
CA TYR A 87 8.50 -4.37 -12.25
C TYR A 87 8.71 -5.88 -12.20
N GLU A 88 7.70 -6.63 -11.78
CA GLU A 88 7.84 -8.08 -11.76
C GLU A 88 7.21 -8.60 -13.04
N GLY A 89 6.63 -7.68 -13.79
CA GLY A 89 6.00 -8.04 -15.05
C GLY A 89 4.51 -7.93 -15.00
N TYR A 90 3.96 -8.01 -13.80
CA TYR A 90 2.52 -7.90 -13.65
C TYR A 90 1.96 -6.65 -14.33
N PRO A 91 0.95 -6.81 -15.19
CA PRO A 91 0.38 -5.63 -15.81
C PRO A 91 -0.29 -4.92 -14.62
N LEU A 92 -0.39 -3.58 -14.63
CA LEU A 92 -1.04 -2.92 -13.49
C LEU A 92 -2.47 -3.45 -13.16
N TRP A 93 -3.12 -4.10 -14.10
CA TRP A 93 -4.45 -4.61 -13.82
C TRP A 93 -4.40 -5.97 -13.14
N LYS A 94 -3.21 -6.35 -12.68
CA LYS A 94 -3.00 -7.60 -11.93
C LYS A 94 -2.46 -7.15 -10.60
N VAL A 95 -1.69 -6.07 -10.66
CA VAL A 95 -1.11 -5.48 -9.48
C VAL A 95 -2.28 -5.10 -8.59
N THR A 96 -3.16 -4.26 -9.13
CA THR A 96 -4.33 -3.78 -8.40
C THR A 96 -5.53 -4.74 -8.31
N PHE A 97 -5.46 -5.88 -8.98
CA PHE A 97 -6.57 -6.85 -8.96
C PHE A 97 -7.10 -7.11 -7.55
N PRO A 98 -6.23 -7.44 -6.58
CA PRO A 98 -6.69 -7.69 -5.21
C PRO A 98 -7.62 -6.63 -4.68
N VAL A 99 -7.25 -5.37 -4.88
CA VAL A 99 -8.08 -4.27 -4.38
C VAL A 99 -9.51 -4.38 -4.93
N ARG A 100 -9.63 -4.75 -6.19
CA ARG A 100 -10.95 -4.87 -6.76
C ARG A 100 -11.74 -6.00 -6.13
N VAL A 101 -11.09 -7.05 -5.61
CA VAL A 101 -11.84 -8.13 -4.98
C VAL A 101 -12.15 -7.77 -3.53
N PHE A 102 -11.23 -7.06 -2.89
CA PHE A 102 -11.42 -6.63 -1.51
C PHE A 102 -12.70 -5.80 -1.45
N HIS A 103 -12.92 -5.03 -2.49
CA HIS A 103 -14.12 -4.20 -2.56
C HIS A 103 -15.37 -5.07 -2.62
N LEU A 104 -15.32 -6.14 -3.42
CA LEU A 104 -16.44 -7.06 -3.58
C LEU A 104 -16.55 -7.96 -2.37
N LEU A 105 -15.51 -7.99 -1.55
CA LEU A 105 -15.51 -8.79 -0.34
C LEU A 105 -16.16 -7.97 0.77
N GLY A 106 -16.38 -6.69 0.47
CA GLY A 106 -16.99 -5.79 1.43
C GLY A 106 -16.01 -4.81 2.07
N VAL A 107 -14.73 -4.95 1.76
CA VAL A 107 -13.75 -4.05 2.32
C VAL A 107 -14.17 -2.63 1.98
N ASP A 108 -14.06 -1.72 2.93
CA ASP A 108 -14.41 -0.35 2.67
C ASP A 108 -13.24 0.59 2.89
N THR A 109 -12.22 0.10 3.56
CA THR A 109 -11.04 0.91 3.80
C THR A 109 -9.82 0.10 3.36
N LEU A 110 -8.83 0.78 2.79
CA LEU A 110 -7.63 0.11 2.36
C LEU A 110 -6.47 0.90 2.91
N VAL A 111 -5.66 0.23 3.73
CA VAL A 111 -4.46 0.86 4.27
C VAL A 111 -3.30 0.14 3.57
N VAL A 112 -2.53 0.90 2.82
CA VAL A 112 -1.41 0.35 2.08
C VAL A 112 -0.16 0.83 2.77
N THR A 113 0.89 0.05 2.69
CA THR A 113 2.17 0.41 3.28
C THR A 113 3.22 0.16 2.18
N ASN A 114 4.41 0.71 2.34
CA ASN A 114 5.50 0.51 1.40
C ASN A 114 6.84 0.92 2.02
N ALA A 115 7.92 0.78 1.26
CA ALA A 115 9.26 1.11 1.73
C ALA A 115 9.89 2.00 0.66
N ALA A 116 9.98 3.28 0.94
CA ALA A 116 10.51 4.15 -0.09
C ALA A 116 11.90 4.56 0.21
N GLY A 117 12.41 5.43 -0.65
CA GLY A 117 13.70 6.05 -0.47
C GLY A 117 13.38 7.41 0.16
N GLY A 118 14.34 7.99 0.88
CA GLY A 118 14.09 9.28 1.50
C GLY A 118 14.57 10.44 0.65
N LEU A 119 13.65 11.12 0.00
CA LEU A 119 14.01 12.25 -0.84
C LEU A 119 14.14 13.50 0.01
N ASN A 120 13.07 13.81 0.75
CA ASN A 120 13.08 14.98 1.62
C ASN A 120 14.20 14.93 2.64
N PRO A 121 15.05 15.95 2.66
CA PRO A 121 16.18 16.08 3.58
C PRO A 121 15.88 15.90 5.07
N LYS A 122 14.73 16.39 5.50
CA LYS A 122 14.32 16.28 6.90
C LYS A 122 14.15 14.83 7.34
N PHE A 123 13.89 13.94 6.38
CA PHE A 123 13.68 12.55 6.73
C PHE A 123 14.94 11.91 7.29
N GLU A 124 14.76 10.92 8.15
CA GLU A 124 15.87 10.21 8.75
C GLU A 124 15.46 8.80 8.47
N VAL A 125 16.36 8.01 7.92
CA VAL A 125 16.04 6.63 7.64
C VAL A 125 15.48 6.01 8.93
N GLY A 126 14.34 5.33 8.81
CA GLY A 126 13.67 4.73 9.95
C GLY A 126 12.33 5.45 10.09
N ASP A 127 12.29 6.72 9.69
CA ASP A 127 11.09 7.52 9.76
C ASP A 127 9.94 6.84 9.08
N ILE A 128 8.74 7.15 9.53
CA ILE A 128 7.54 6.61 8.94
C ILE A 128 6.86 7.81 8.31
N MET A 129 6.69 7.79 7.00
CA MET A 129 6.03 8.89 6.33
C MET A 129 4.56 8.62 6.07
N LEU A 130 3.70 9.47 6.61
CA LEU A 130 2.28 9.34 6.36
C LEU A 130 2.21 9.84 4.92
N ILE A 131 1.51 9.12 4.05
CA ILE A 131 1.39 9.55 2.65
C ILE A 131 0.21 10.53 2.61
N ARG A 132 0.51 11.78 2.27
CA ARG A 132 -0.54 12.80 2.17
C ARG A 132 -0.93 12.98 0.71
N ASP A 133 -0.03 12.60 -0.20
CA ASP A 133 -0.26 12.75 -1.64
C ASP A 133 0.70 11.86 -2.39
N HIS A 134 0.51 11.74 -3.70
CA HIS A 134 1.37 10.91 -4.53
C HIS A 134 1.54 11.54 -5.90
N ILE A 135 2.62 11.20 -6.59
CA ILE A 135 2.90 11.68 -7.94
C ILE A 135 2.98 10.39 -8.79
N ASN A 136 1.94 10.12 -9.57
CA ASN A 136 1.87 8.88 -10.38
C ASN A 136 2.61 8.93 -11.73
N LEU A 137 3.93 8.86 -11.65
CA LEU A 137 4.79 8.90 -12.81
C LEU A 137 4.42 7.86 -13.89
N PRO A 138 4.20 6.59 -13.53
CA PRO A 138 3.84 5.68 -14.63
C PRO A 138 2.46 6.06 -15.22
N GLY A 139 1.62 6.67 -14.39
CA GLY A 139 0.32 7.09 -14.86
C GLY A 139 0.40 8.16 -15.93
N PHE A 140 1.28 9.13 -15.73
CA PHE A 140 1.44 10.19 -16.71
C PHE A 140 1.67 9.61 -18.11
N SER A 141 2.43 8.52 -18.15
CA SER A 141 2.74 7.92 -19.43
C SER A 141 1.74 6.96 -20.00
N GLY A 142 0.85 6.44 -19.19
CA GLY A 142 -0.13 5.53 -19.75
C GLY A 142 -0.39 4.40 -18.77
N GLN A 143 0.61 4.15 -17.91
CA GLN A 143 0.53 3.10 -16.91
C GLN A 143 -0.33 3.45 -15.71
N ASN A 144 -1.63 3.34 -15.92
CA ASN A 144 -2.68 3.62 -14.93
C ASN A 144 -3.56 2.36 -14.88
N PRO A 145 -3.81 1.79 -13.69
CA PRO A 145 -4.63 0.59 -13.58
C PRO A 145 -6.03 0.74 -14.13
N LEU A 146 -6.44 1.99 -14.39
CA LEU A 146 -7.78 2.23 -14.92
C LEU A 146 -7.87 2.19 -16.44
N ARG A 147 -6.74 2.22 -17.13
CA ARG A 147 -6.73 2.25 -18.58
C ARG A 147 -7.44 1.06 -19.16
N GLY A 148 -8.33 1.33 -20.10
CA GLY A 148 -9.14 0.31 -20.73
C GLY A 148 -10.59 0.74 -20.54
N PRO A 149 -11.55 -0.05 -21.00
CA PRO A 149 -12.95 0.35 -20.82
C PRO A 149 -13.32 0.44 -19.35
N ASN A 150 -13.98 1.52 -18.94
CA ASN A 150 -14.37 1.73 -17.53
C ASN A 150 -15.52 0.85 -17.16
N ASP A 151 -15.44 0.26 -15.98
CA ASP A 151 -16.51 -0.58 -15.48
C ASP A 151 -17.29 0.24 -14.46
N GLU A 152 -18.37 0.85 -14.92
CA GLU A 152 -19.20 1.67 -14.08
C GLU A 152 -19.68 0.91 -12.86
N ARG A 153 -19.58 -0.42 -12.88
CA ARG A 153 -19.97 -1.26 -11.75
C ARG A 153 -19.06 -1.00 -10.58
N PHE A 154 -17.81 -0.70 -10.89
CA PHE A 154 -16.82 -0.40 -9.89
C PHE A 154 -16.75 1.10 -9.66
N GLY A 155 -16.78 1.89 -10.74
CA GLY A 155 -16.73 3.33 -10.57
C GLY A 155 -16.80 4.15 -11.85
N ASP A 156 -16.34 5.39 -11.73
CA ASP A 156 -16.32 6.35 -12.83
C ASP A 156 -15.24 6.11 -13.88
N ARG A 157 -15.28 6.90 -14.95
CA ARG A 157 -14.28 6.83 -16.02
C ARG A 157 -13.12 7.69 -15.57
N PHE A 158 -13.45 8.89 -15.11
CA PHE A 158 -12.43 9.83 -14.68
C PHE A 158 -12.49 10.09 -13.16
N PRO A 159 -12.19 9.07 -12.35
CA PRO A 159 -12.22 9.32 -10.90
C PRO A 159 -11.15 10.34 -10.51
N ALA A 160 -11.43 11.13 -9.49
CA ALA A 160 -10.47 12.14 -9.05
C ALA A 160 -9.60 11.53 -8.01
N MET A 161 -8.36 12.01 -7.93
CA MET A 161 -7.41 11.51 -6.95
C MET A 161 -6.89 12.59 -6.00
N SER A 162 -7.35 13.82 -6.22
CA SER A 162 -6.95 14.92 -5.36
C SER A 162 -7.36 14.69 -3.90
N ASP A 163 -8.30 13.75 -3.68
CA ASP A 163 -8.79 13.41 -2.34
C ASP A 163 -8.39 12.00 -1.85
N ALA A 164 -7.50 11.34 -2.58
CA ALA A 164 -7.09 9.98 -2.26
C ALA A 164 -6.82 9.55 -0.83
N TYR A 165 -5.97 10.25 -0.10
CA TYR A 165 -5.64 9.80 1.24
C TYR A 165 -6.49 10.17 2.47
N ASP A 166 -7.78 10.33 2.25
CA ASP A 166 -8.73 10.64 3.32
C ASP A 166 -8.24 11.50 4.48
N ARG A 167 -8.56 12.80 4.40
CA ARG A 167 -8.19 13.80 5.41
C ARG A 167 -8.41 13.28 6.81
N THR A 168 -9.59 12.75 7.05
CA THR A 168 -9.94 12.22 8.35
C THR A 168 -8.86 11.30 8.89
N MET A 169 -8.70 10.15 8.27
CA MET A 169 -7.72 9.19 8.75
C MET A 169 -6.31 9.77 8.89
N ARG A 170 -5.93 10.70 8.01
CA ARG A 170 -4.61 11.29 8.16
C ARG A 170 -4.58 12.04 9.48
N GLN A 171 -5.68 12.72 9.81
CA GLN A 171 -5.79 13.45 11.07
C GLN A 171 -5.66 12.46 12.21
N ARG A 172 -6.58 11.52 12.24
CA ARG A 172 -6.57 10.49 13.27
C ARG A 172 -5.20 9.83 13.37
N ALA A 173 -4.44 9.85 12.28
CA ALA A 173 -3.12 9.27 12.27
C ALA A 173 -2.16 10.17 13.03
N LEU A 174 -2.11 11.44 12.63
CA LEU A 174 -1.22 12.41 13.28
C LEU A 174 -1.50 12.50 14.77
N SER A 175 -2.78 12.44 15.11
CA SER A 175 -3.21 12.47 16.48
C SER A 175 -2.66 11.23 17.18
N THR A 176 -3.01 10.04 16.67
CA THR A 176 -2.58 8.77 17.25
C THR A 176 -1.10 8.73 17.54
N TRP A 177 -0.30 9.19 16.59
CA TRP A 177 1.14 9.17 16.82
C TRP A 177 1.38 9.95 18.09
N LYS A 178 0.73 11.11 18.22
CA LYS A 178 0.86 11.95 19.41
C LYS A 178 0.31 11.28 20.67
N GLN A 179 -0.83 10.60 20.58
CA GLN A 179 -1.40 9.88 21.72
C GLN A 179 -0.30 8.99 22.32
N MET A 180 0.30 8.17 21.48
CA MET A 180 1.36 7.26 21.88
C MET A 180 2.54 8.01 22.48
N GLY A 181 2.56 9.33 22.28
CA GLY A 181 3.63 10.16 22.81
C GLY A 181 4.98 9.71 22.28
N GLU A 182 5.07 9.60 20.96
CA GLU A 182 6.28 9.13 20.29
C GLU A 182 7.43 10.11 20.15
N GLN A 183 8.53 9.57 19.63
CA GLN A 183 9.76 10.32 19.34
C GLN A 183 9.55 11.15 18.06
N ARG A 184 10.28 10.84 16.99
CA ARG A 184 10.13 11.53 15.71
C ARG A 184 8.67 11.49 15.30
N GLU A 185 8.08 12.67 15.10
CA GLU A 185 6.68 12.77 14.71
C GLU A 185 6.43 12.08 13.38
N LEU A 186 5.23 11.53 13.26
CA LEU A 186 4.76 10.85 12.06
C LEU A 186 5.04 11.83 10.93
N GLN A 187 5.93 11.45 10.03
CA GLN A 187 6.28 12.29 8.91
C GLN A 187 5.07 12.39 8.00
N GLU A 188 5.13 13.29 7.03
CA GLU A 188 4.03 13.45 6.12
C GLU A 188 4.56 14.08 4.86
N GLY A 189 4.42 13.35 3.76
CA GLY A 189 4.91 13.83 2.47
C GLY A 189 4.28 13.11 1.30
N THR A 190 4.69 13.51 0.11
CA THR A 190 4.18 12.95 -1.12
C THR A 190 5.06 11.81 -1.53
N TYR A 191 4.41 10.73 -1.97
CA TYR A 191 5.10 9.55 -2.41
C TYR A 191 5.10 9.55 -3.92
N VAL A 192 6.27 9.34 -4.50
CA VAL A 192 6.39 9.31 -5.95
C VAL A 192 6.64 7.88 -6.40
N MET A 193 5.71 7.36 -7.18
CA MET A 193 5.91 6.02 -7.70
C MET A 193 6.86 6.15 -8.88
N VAL A 194 7.78 5.23 -8.97
CA VAL A 194 8.76 5.21 -10.04
C VAL A 194 8.66 3.73 -10.35
N ALA A 195 8.43 3.35 -11.60
CA ALA A 195 8.28 1.92 -11.90
C ALA A 195 9.47 1.03 -11.72
N GLY A 196 10.42 1.18 -12.63
CA GLY A 196 11.62 0.36 -12.72
C GLY A 196 12.09 -0.29 -11.46
N PRO A 197 12.77 -1.46 -11.56
CA PRO A 197 13.28 -2.19 -10.41
C PRO A 197 14.64 -1.65 -9.96
N SER A 198 15.44 -1.15 -10.89
CA SER A 198 16.74 -0.61 -10.52
C SER A 198 16.47 0.63 -9.69
N PHE A 199 17.47 1.10 -8.95
CA PHE A 199 17.29 2.27 -8.09
C PHE A 199 17.68 3.56 -8.77
N GLU A 200 17.05 4.64 -8.35
CA GLU A 200 17.31 5.92 -8.99
C GLU A 200 18.75 6.37 -8.90
N THR A 201 19.17 7.13 -9.89
CA THR A 201 20.51 7.67 -9.97
C THR A 201 20.44 9.00 -9.21
N VAL A 202 21.59 9.65 -8.98
CA VAL A 202 21.62 10.92 -8.26
C VAL A 202 20.83 11.90 -9.10
N ALA A 203 21.10 11.89 -10.41
CA ALA A 203 20.41 12.79 -11.32
C ALA A 203 18.89 12.60 -11.28
N GLU A 204 18.45 11.37 -11.03
CA GLU A 204 17.02 11.05 -10.96
C GLU A 204 16.40 11.51 -9.65
N CYS A 205 17.08 11.22 -8.55
CA CYS A 205 16.64 11.64 -7.23
C CYS A 205 16.40 13.14 -7.17
N ARG A 206 17.26 13.92 -7.83
CA ARG A 206 17.13 15.36 -7.87
C ARG A 206 15.85 15.77 -8.63
N VAL A 207 15.50 15.08 -9.71
CA VAL A 207 14.28 15.47 -10.41
C VAL A 207 13.11 15.09 -9.54
N LEU A 208 13.28 14.07 -8.73
CA LEU A 208 12.21 13.65 -7.85
C LEU A 208 12.05 14.69 -6.74
N GLN A 209 13.16 15.31 -6.33
CA GLN A 209 13.13 16.36 -5.31
C GLN A 209 12.41 17.59 -5.90
N LYS A 210 12.82 17.98 -7.10
CA LYS A 210 12.25 19.14 -7.80
C LYS A 210 10.76 18.96 -8.09
N LEU A 211 10.37 17.75 -8.45
CA LEU A 211 8.98 17.41 -8.76
C LEU A 211 8.07 17.61 -7.56
N GLY A 212 8.65 17.50 -6.37
CA GLY A 212 7.87 17.66 -5.16
C GLY A 212 7.83 16.41 -4.29
N ALA A 213 8.29 15.29 -4.83
CA ALA A 213 8.28 14.05 -4.08
C ALA A 213 9.09 14.09 -2.80
N ASP A 214 8.65 13.28 -1.83
CA ASP A 214 9.30 13.16 -0.54
C ASP A 214 9.87 11.78 -0.34
N ALA A 215 9.26 10.79 -0.98
CA ALA A 215 9.73 9.42 -0.86
C ALA A 215 9.47 8.70 -2.17
N VAL A 216 10.43 7.89 -2.62
CA VAL A 216 10.30 7.14 -3.89
C VAL A 216 10.10 5.62 -3.75
N GLY A 217 9.15 5.10 -4.52
CA GLY A 217 8.84 3.68 -4.44
C GLY A 217 8.31 3.13 -5.73
N MET A 218 8.12 1.82 -5.78
CA MET A 218 7.68 1.16 -6.99
C MET A 218 6.33 0.48 -6.87
N SER A 219 5.48 0.99 -5.98
CA SER A 219 4.16 0.40 -5.78
C SER A 219 3.18 1.36 -5.08
N THR A 220 2.13 0.83 -4.47
CA THR A 220 1.13 1.62 -3.74
C THR A 220 0.20 2.43 -4.63
N VAL A 221 0.78 3.38 -5.37
CA VAL A 221 0.01 4.24 -6.26
C VAL A 221 -1.06 3.43 -7.03
N PRO A 222 -0.68 2.32 -7.72
CA PRO A 222 -1.69 1.54 -8.43
C PRO A 222 -2.86 1.09 -7.53
N GLU A 223 -2.55 0.60 -6.33
CA GLU A 223 -3.61 0.14 -5.43
C GLU A 223 -4.45 1.31 -4.92
N VAL A 224 -3.82 2.45 -4.65
CA VAL A 224 -4.56 3.62 -4.19
C VAL A 224 -5.55 4.10 -5.27
N ILE A 225 -5.12 4.16 -6.53
CA ILE A 225 -5.98 4.62 -7.64
C ILE A 225 -7.27 3.82 -7.82
N VAL A 226 -7.18 2.50 -7.90
CA VAL A 226 -8.39 1.70 -8.09
C VAL A 226 -9.21 1.57 -6.83
N ALA A 227 -8.55 1.65 -5.68
CA ALA A 227 -9.26 1.56 -4.40
C ALA A 227 -10.19 2.76 -4.36
N ARG A 228 -9.62 3.93 -4.62
CA ARG A 228 -10.39 5.16 -4.64
C ARG A 228 -11.48 5.06 -5.69
N HIS A 229 -11.16 4.45 -6.82
CA HIS A 229 -12.10 4.25 -7.92
C HIS A 229 -13.34 3.48 -7.45
N CYS A 230 -13.15 2.57 -6.51
CA CYS A 230 -14.24 1.75 -5.96
C CYS A 230 -14.96 2.53 -4.87
N GLY A 231 -14.31 3.56 -4.37
CA GLY A 231 -14.87 4.32 -3.30
C GLY A 231 -14.43 3.64 -2.03
N LEU A 232 -13.13 3.50 -1.83
CA LEU A 232 -12.60 2.89 -0.61
C LEU A 232 -11.81 3.93 0.16
N ARG A 233 -12.07 4.05 1.46
CA ARG A 233 -11.30 4.97 2.27
C ARG A 233 -9.87 4.44 2.12
N VAL A 234 -8.93 5.34 1.87
CA VAL A 234 -7.57 4.94 1.66
C VAL A 234 -6.62 5.83 2.43
N PHE A 235 -5.69 5.20 3.12
CA PHE A 235 -4.65 5.93 3.83
C PHE A 235 -3.49 4.97 3.91
N GLY A 236 -2.28 5.49 4.05
CA GLY A 236 -1.15 4.60 4.11
C GLY A 236 0.08 5.28 4.60
N PHE A 237 1.09 4.47 4.92
CA PHE A 237 2.34 4.95 5.45
C PHE A 237 3.45 4.41 4.58
N SER A 238 4.61 5.04 4.68
CA SER A 238 5.80 4.69 3.91
C SER A 238 6.98 4.59 4.86
N LEU A 239 7.49 3.39 5.09
CA LEU A 239 8.66 3.20 5.95
C LEU A 239 9.88 3.71 5.17
N ILE A 240 10.53 4.78 5.64
CA ILE A 240 11.70 5.31 4.96
C ILE A 240 12.90 4.42 5.27
N THR A 241 13.23 3.53 4.34
CA THR A 241 14.30 2.58 4.52
C THR A 241 15.68 3.04 4.12
N ASN A 242 15.78 4.27 3.62
CA ASN A 242 17.05 4.82 3.17
C ASN A 242 16.83 6.21 2.60
N LYS A 243 17.86 6.76 1.96
CA LYS A 243 17.79 8.10 1.36
C LYS A 243 19.05 8.45 0.58
N VAL A 244 18.91 9.30 -0.46
CA VAL A 244 20.06 9.75 -1.28
C VAL A 244 19.62 10.91 -2.20
N ILE A 245 20.60 11.63 -2.78
CA ILE A 245 20.44 12.76 -3.73
C ILE A 245 21.74 13.59 -3.79
N MET A 246 22.88 12.94 -3.94
CA MET A 246 24.14 13.67 -3.93
C MET A 246 25.30 13.18 -4.81
N ASP A 247 25.55 13.87 -5.92
CA ASP A 247 26.66 13.49 -6.80
C ASP A 247 27.91 13.75 -5.98
N TYR A 248 28.08 15.03 -5.64
CA TYR A 248 29.18 15.56 -4.81
C TYR A 248 29.47 14.54 -3.70
N GLU A 249 30.23 13.53 -4.09
CA GLU A 249 30.59 12.42 -3.24
C GLU A 249 29.38 11.63 -2.76
N SER A 250 29.05 10.60 -3.55
CA SER A 250 27.95 9.71 -3.25
C SER A 250 28.12 9.18 -1.82
N LEU A 251 29.34 8.68 -1.54
CA LEU A 251 29.74 8.12 -0.25
C LEU A 251 29.13 6.73 0.00
N GLU A 252 27.81 6.68 0.07
CA GLU A 252 27.10 5.43 0.32
C GLU A 252 26.25 5.02 -0.89
N LYS A 253 25.49 5.98 -1.44
CA LYS A 253 24.60 5.78 -2.60
C LYS A 253 23.71 4.53 -2.63
N ALA A 254 23.53 3.93 -1.45
CA ALA A 254 22.69 2.74 -1.27
C ALA A 254 23.24 1.44 -1.86
N ASN A 255 22.33 0.50 -2.15
CA ASN A 255 22.65 -0.83 -2.70
C ASN A 255 21.37 -1.69 -2.72
N HIS A 256 20.67 -1.64 -1.58
CA HIS A 256 19.40 -2.31 -1.22
C HIS A 256 19.54 -3.00 0.13
N GLU A 257 20.67 -3.67 0.36
CA GLU A 257 20.90 -4.36 1.64
C GLU A 257 20.89 -3.29 2.74
N GLU A 258 20.97 -2.04 2.31
CA GLU A 258 20.93 -0.88 3.17
C GLU A 258 19.47 -0.65 3.57
N VAL A 259 18.56 -1.01 2.65
CA VAL A 259 17.14 -0.85 2.94
C VAL A 259 16.78 -1.90 3.98
N LEU A 260 16.30 -1.41 5.11
CA LEU A 260 15.85 -2.21 6.24
C LEU A 260 15.39 -1.20 7.28
N ALA A 261 15.99 0.00 7.25
CA ALA A 261 15.66 1.08 8.19
C ALA A 261 15.54 0.50 9.59
N ALA A 262 16.61 -0.15 10.02
CA ALA A 262 16.62 -0.80 11.32
C ALA A 262 15.49 -1.81 11.23
N GLY A 263 15.54 -2.64 10.17
CA GLY A 263 14.54 -3.67 9.90
C GLY A 263 13.52 -3.90 10.99
N LYS A 264 13.64 -5.04 11.67
CA LYS A 264 12.77 -5.47 12.76
C LYS A 264 12.32 -4.23 13.53
N GLN A 265 13.31 -3.45 13.96
CA GLN A 265 13.10 -2.25 14.71
C GLN A 265 11.94 -1.37 14.18
N ALA A 266 12.20 -0.64 13.09
CA ALA A 266 11.21 0.28 12.51
C ALA A 266 9.98 -0.40 11.90
N ALA A 267 10.21 -1.54 11.26
CA ALA A 267 9.13 -2.31 10.64
C ALA A 267 8.14 -2.65 11.72
N GLN A 268 8.66 -3.06 12.88
CA GLN A 268 7.80 -3.40 14.00
C GLN A 268 6.95 -2.17 14.39
N LYS A 269 7.59 -1.01 14.49
CA LYS A 269 6.90 0.23 14.87
C LYS A 269 5.77 0.65 13.94
N LEU A 270 6.02 0.67 12.63
CA LEU A 270 5.01 1.07 11.67
C LEU A 270 3.85 0.11 11.73
N GLU A 271 4.16 -1.13 12.08
CA GLU A 271 3.16 -2.19 12.21
C GLU A 271 2.25 -1.99 13.40
N GLN A 272 2.85 -1.78 14.57
CA GLN A 272 2.04 -1.58 15.74
C GLN A 272 1.17 -0.37 15.48
N PHE A 273 1.77 0.69 14.95
CA PHE A 273 1.05 1.92 14.65
C PHE A 273 -0.19 1.62 13.80
N VAL A 274 -0.03 0.90 12.69
CA VAL A 274 -1.15 0.57 11.82
C VAL A 274 -2.21 -0.18 12.61
N SER A 275 -1.76 -1.12 13.44
CA SER A 275 -2.66 -1.91 14.25
C SER A 275 -3.42 -1.02 15.25
N ILE A 276 -2.73 -0.10 15.89
CA ILE A 276 -3.39 0.80 16.83
C ILE A 276 -4.43 1.53 16.01
N LEU A 277 -4.03 1.92 14.80
CA LEU A 277 -4.90 2.65 13.89
C LEU A 277 -6.23 1.99 13.51
N MET A 278 -6.37 0.68 13.70
CA MET A 278 -7.64 0.01 13.36
C MET A 278 -8.83 0.64 14.09
N ALA A 279 -8.55 1.15 15.30
CA ALA A 279 -9.53 1.78 16.17
C ALA A 279 -9.98 3.15 15.67
N SER A 280 -9.23 3.74 14.74
CA SER A 280 -9.59 5.04 14.22
C SER A 280 -10.25 4.90 12.85
N ILE A 281 -10.54 3.67 12.42
CA ILE A 281 -11.17 3.48 11.13
C ILE A 281 -12.64 3.28 11.36
N PRO A 282 -13.48 4.19 10.87
CA PRO A 282 -14.93 4.11 11.01
C PRO A 282 -15.43 2.67 10.82
N LEU A 283 -16.30 2.24 11.72
CA LEU A 283 -16.84 0.90 11.67
C LEU A 283 -18.06 0.99 10.78
N PRO A 284 -18.32 -0.01 9.93
CA PRO A 284 -19.49 0.03 9.06
C PRO A 284 -20.78 0.17 9.87
N ASP A 285 -20.70 -0.07 11.17
CA ASP A 285 -21.85 0.06 12.06
C ASP A 285 -22.31 1.52 12.23
N LYS A 286 -21.67 2.43 11.48
CA LYS A 286 -21.95 3.88 11.52
C LYS A 286 -21.41 4.53 12.80
N ALA A 287 -21.46 3.77 13.89
CA ALA A 287 -20.95 4.22 15.17
C ALA A 287 -21.64 5.48 15.72
N SER A 288 -22.62 5.26 16.61
CA SER A 288 -23.38 6.32 17.26
C SER A 288 -24.49 5.73 18.17
#